data_7W3P
#
_entry.id   7W3P
#
_cell.length_a   61.689
_cell.length_b   61.689
_cell.length_c   159.466
_cell.angle_alpha   90.000
_cell.angle_beta   90.000
_cell.angle_gamma   90.000
#
_symmetry.space_group_name_H-M   'P 41 21 2'
#
loop_
_entity.id
_entity.type
_entity.pdbx_description
1 polymer 'Nuclear receptor ROR-gamma'
2 polymer 'Peptide from Nuclear receptor coactivator 2'
3 non-polymer (3S,5R,8R,9R,10R,12R,13R,14R,17S)-4,4,8,10,14-pentamethyl-17-[(2R)-2,6,6-trimethyloxan-2-yl]-2,3,5,6,7,9,11,12,13,15,16,17-dodecahydro-1H-cyclopenta[a]phenanthrene-3,12-diol
4 water water
#
loop_
_entity_poly.entity_id
_entity_poly.type
_entity_poly.pdbx_seq_one_letter_code
_entity_poly.pdbx_strand_id
1 'polypeptide(L)'
;APYASLTEIEHLVQSVCKSYRETCQLRLEDLLRQRSNIFSREEVTGYQRKSMWEMWERCAHHLTEAIQYVVEFAKRLSGF
MELCQNDQIVLLKAGAMEVVLVRMCRAYNADNRTVFFEGKYGGMELFRALGCSELISSIFDFSHSLSALHFSEDEIALYT
ALVLINAHRPGLQEKRKVEQLQYNLELAFHHHLCKTHRQSILAKLPPKGKLRSLCSQHVERLQIFQHLHPIVVQAAFPPL
YKELFS
;
A
2 'polypeptide(L)' KHKILHRLLQDSS B
#
loop_
_chem_comp.id
_chem_comp.type
_chem_comp.name
_chem_comp.formula
88K non-polymer (3S,5R,8R,9R,10R,12R,13R,14R,17S)-4,4,8,10,14-pentamethyl-17-[(2R)-2,6,6-trimethyloxan-2-yl]-2,3,5,6,7,9,11,12,13,15,16,17-dodecahydro-1H-cyclopenta[a]phenanthrene-3,12-diol 'C30 H52 O3'
#
# COMPACT_ATOMS: atom_id res chain seq x y z
N ALA A 4 21.77 -10.04 -14.73
CA ALA A 4 22.47 -9.07 -13.90
C ALA A 4 23.81 -9.48 -13.17
N SER A 5 24.91 -8.64 -13.22
CA SER A 5 26.32 -8.61 -12.54
C SER A 5 26.31 -7.65 -11.28
N LEU A 6 27.34 -7.56 -10.44
CA LEU A 6 27.29 -6.73 -9.22
C LEU A 6 26.92 -5.26 -9.34
N THR A 7 27.63 -4.56 -10.20
CA THR A 7 27.30 -3.16 -10.45
C THR A 7 25.84 -3.07 -10.96
N GLU A 8 25.42 -4.05 -11.74
CA GLU A 8 24.10 -4.00 -12.33
C GLU A 8 23.04 -4.26 -11.24
N ILE A 9 23.33 -5.19 -10.33
CA ILE A 9 22.38 -5.41 -9.20
C ILE A 9 22.25 -4.14 -8.37
N GLU A 10 23.37 -3.48 -8.06
CA GLU A 10 23.34 -2.28 -7.30
C GLU A 10 22.62 -1.14 -8.03
N HIS A 11 22.72 -1.12 -9.38
CA HIS A 11 21.97 -0.08 -10.14
C HIS A 11 20.45 -0.29 -9.98
N LEU A 12 20.02 -1.56 -9.91
CA LEU A 12 18.59 -1.92 -9.74
C LEU A 12 18.15 -1.42 -8.40
N VAL A 13 18.94 -1.63 -7.33
CA VAL A 13 18.64 -1.11 -5.99
C VAL A 13 18.38 0.40 -6.07
N GLN A 14 19.31 1.10 -6.69
CA GLN A 14 19.23 2.56 -6.84
C GLN A 14 17.98 3.03 -7.65
N SER A 15 17.68 2.36 -8.74
CA SER A 15 16.54 2.66 -9.59
C SER A 15 15.21 2.50 -8.82
N VAL A 16 15.10 1.37 -8.15
CA VAL A 16 13.89 1.11 -7.34
C VAL A 16 13.74 2.14 -6.24
N CYS A 17 14.83 2.50 -5.54
CA CYS A 17 14.74 3.48 -4.47
C CYS A 17 14.23 4.85 -4.98
N LYS A 18 14.82 5.29 -6.09
CA LYS A 18 14.44 6.54 -6.71
C LYS A 18 12.98 6.49 -7.15
N SER A 19 12.54 5.35 -7.68
CA SER A 19 11.12 5.24 -8.10
C SER A 19 10.18 5.35 -6.93
N TYR A 20 10.55 4.72 -5.83
CA TYR A 20 9.77 4.82 -4.60
C TYR A 20 9.67 6.29 -4.08
N ARG A 21 10.80 6.96 -4.01
CA ARG A 21 10.89 8.28 -3.40
C ARG A 21 10.06 9.23 -4.27
N GLU A 22 10.15 9.08 -5.57
CA GLU A 22 9.41 9.92 -6.49
C GLU A 22 7.91 9.71 -6.57
N THR A 23 7.39 8.62 -6.05
CA THR A 23 5.97 8.31 -6.11
C THR A 23 5.31 8.20 -4.74
N CYS A 24 5.89 8.83 -3.73
CA CYS A 24 5.19 8.97 -2.43
C CYS A 24 4.31 10.19 -2.38
N GLN A 25 3.12 10.03 -1.79
CA GLN A 25 2.18 11.17 -1.60
C GLN A 25 2.83 12.35 -0.90
N LEU A 26 3.43 12.08 0.25
CA LEU A 26 4.03 13.12 1.09
C LEU A 26 5.47 12.77 1.41
N ARG A 27 6.28 13.78 1.71
CA ARG A 27 7.66 13.52 2.04
C ARG A 27 7.67 13.13 3.49
N LEU A 28 8.50 12.14 3.80
CA LEU A 28 8.61 11.58 5.14
C LEU A 28 8.96 12.67 6.15
N GLU A 29 9.79 13.65 5.75
CA GLU A 29 10.17 14.72 6.68
C GLU A 29 8.96 15.57 7.09
N ASP A 30 8.05 15.81 6.15
CA ASP A 30 6.82 16.55 6.42
C ASP A 30 5.87 15.76 7.35
N LEU A 31 5.76 14.44 7.16
CA LEU A 31 5.05 13.63 8.16
C LEU A 31 5.62 13.70 9.58
N LEU A 32 6.94 13.58 9.70
CA LEU A 32 7.54 13.65 11.05
C LEU A 32 7.36 15.02 11.72
N ARG A 33 7.42 16.05 10.95
CA ARG A 33 7.33 17.43 11.50
C ARG A 33 5.95 17.80 12.04
N GLN A 34 4.94 17.01 11.61
CA GLN A 34 3.57 17.12 12.05
C GLN A 34 3.13 16.21 13.18
N ARG A 35 4.04 15.42 13.79
CA ARG A 35 3.69 14.49 14.87
C ARG A 35 2.99 15.02 16.11
N SER A 36 3.22 16.29 16.45
CA SER A 36 2.49 16.89 17.59
C SER A 36 1.08 17.37 17.24
N ASN A 37 0.72 17.39 15.97
CA ASN A 37 -0.53 17.96 15.55
C ASN A 37 -1.55 16.85 15.55
N ILE A 38 -2.28 16.74 16.65
CA ILE A 38 -3.16 15.56 16.88
C ILE A 38 -4.59 16.00 17.00
N PHE A 39 -5.49 15.25 16.38
CA PHE A 39 -6.92 15.58 16.45
C PHE A 39 -7.41 15.75 17.86
N SER A 40 -8.20 16.80 18.10
CA SER A 40 -8.78 16.94 19.45
C SER A 40 -9.83 15.87 19.71
N ARG A 41 -10.21 15.66 20.98
CA ARG A 41 -11.40 14.84 21.27
C ARG A 41 -12.65 15.24 20.47
N GLU A 42 -12.92 16.55 20.35
CA GLU A 42 -14.09 17.07 19.59
C GLU A 42 -13.99 16.70 18.13
N GLU A 43 -12.77 16.75 17.57
CA GLU A 43 -12.60 16.48 16.15
C GLU A 43 -12.76 15.00 15.93
N VAL A 44 -12.23 14.20 16.83
CA VAL A 44 -12.39 12.71 16.76
C VAL A 44 -13.86 12.33 16.84
N THR A 45 -14.59 12.97 17.76
CA THR A 45 -16.01 12.70 17.85
C THR A 45 -16.77 13.05 16.58
N GLY A 46 -16.39 14.14 15.88
CA GLY A 46 -16.96 14.55 14.65
C GLY A 46 -16.85 13.48 13.60
N TYR A 47 -15.65 12.90 13.52
CA TYR A 47 -15.42 11.77 12.59
C TYR A 47 -16.24 10.58 12.95
N GLN A 48 -16.34 10.28 14.23
CA GLN A 48 -17.04 9.08 14.70
C GLN A 48 -18.57 9.13 14.45
N ARG A 49 -19.09 10.34 14.50
CA ARG A 49 -20.50 10.64 14.31
C ARG A 49 -20.95 10.82 12.86
N LYS A 50 -20.01 10.89 11.95
CA LYS A 50 -20.31 10.98 10.53
C LYS A 50 -21.07 9.75 10.09
N SER A 51 -21.95 9.90 9.10
CA SER A 51 -22.68 8.71 8.69
C SER A 51 -21.68 7.69 8.13
N MET A 52 -22.04 6.43 8.28
CA MET A 52 -21.18 5.34 7.75
C MET A 52 -20.96 5.54 6.24
N TRP A 53 -22.03 5.81 5.44
CA TRP A 53 -21.79 5.95 4.00
C TRP A 53 -20.82 7.07 3.69
N GLU A 54 -20.94 8.21 4.37
CA GLU A 54 -20.07 9.31 4.07
C GLU A 54 -18.61 9.05 4.43
N MET A 55 -18.40 8.40 5.57
CA MET A 55 -17.03 8.07 6.01
C MET A 55 -16.42 7.03 5.06
N TRP A 56 -17.21 6.10 4.58
CA TRP A 56 -16.72 5.10 3.57
C TRP A 56 -16.27 5.87 2.29
N GLU A 57 -17.16 6.71 1.80
CA GLU A 57 -16.85 7.51 0.64
C GLU A 57 -15.55 8.30 0.85
N ARG A 58 -15.42 8.97 1.97
CA ARG A 58 -14.24 9.78 2.22
C ARG A 58 -12.95 8.94 2.29
N CYS A 59 -13.03 7.86 3.04
CA CYS A 59 -11.91 6.97 3.15
C CYS A 59 -11.60 6.35 1.76
N ALA A 60 -12.59 5.90 0.99
CA ALA A 60 -12.30 5.37 -0.36
C ALA A 60 -11.66 6.41 -1.28
N HIS A 61 -12.02 7.66 -1.17
CA HIS A 61 -11.34 8.76 -1.87
C HIS A 61 -9.86 8.84 -1.53
N HIS A 62 -9.52 8.84 -0.23
CA HIS A 62 -8.11 8.87 0.13
C HIS A 62 -7.38 7.57 -0.30
N LEU A 63 -8.03 6.43 -0.15
CA LEU A 63 -7.44 5.16 -0.58
C LEU A 63 -7.15 5.18 -2.08
N THR A 64 -8.05 5.77 -2.83
CA THR A 64 -7.93 5.80 -4.30
C THR A 64 -6.75 6.68 -4.69
N GLU A 65 -6.60 7.82 -4.02
CA GLU A 65 -5.45 8.71 -4.26
C GLU A 65 -4.18 7.93 -3.96
N ALA A 66 -4.15 7.17 -2.88
CA ALA A 66 -2.93 6.42 -2.52
C ALA A 66 -2.59 5.38 -3.57
N ILE A 67 -3.62 4.72 -4.06
CA ILE A 67 -3.51 3.75 -5.16
C ILE A 67 -2.95 4.33 -6.46
N GLN A 68 -3.37 5.54 -6.79
CA GLN A 68 -2.84 6.27 -7.91
C GLN A 68 -1.32 6.40 -7.86
N TYR A 69 -0.78 6.67 -6.70
CA TYR A 69 0.69 6.77 -6.49
C TYR A 69 1.33 5.39 -6.67
N VAL A 70 0.64 4.36 -6.20
CA VAL A 70 1.20 2.99 -6.39
C VAL A 70 1.22 2.66 -7.86
N VAL A 71 0.20 3.01 -8.63
CA VAL A 71 0.27 2.78 -10.08
C VAL A 71 1.49 3.52 -10.70
N GLU A 72 1.72 4.76 -10.24
CA GLU A 72 2.86 5.50 -10.76
C GLU A 72 4.16 4.75 -10.41
N PHE A 73 4.25 4.24 -9.19
CA PHE A 73 5.42 3.45 -8.78
C PHE A 73 5.60 2.23 -9.66
N ALA A 74 4.54 1.45 -9.89
CA ALA A 74 4.61 0.27 -10.72
C ALA A 74 5.15 0.57 -12.12
N LYS A 75 4.68 1.67 -12.69
CA LYS A 75 5.02 2.11 -14.04
C LYS A 75 6.51 2.40 -14.15
N ARG A 76 7.13 2.72 -13.02
CA ARG A 76 8.56 3.00 -12.94
C ARG A 76 9.49 1.80 -12.76
N LEU A 77 8.94 0.68 -12.34
CA LEU A 77 9.73 -0.52 -12.22
C LEU A 77 10.11 -1.20 -13.53
N SER A 78 11.40 -1.56 -13.64
CA SER A 78 11.89 -2.24 -14.87
C SER A 78 11.05 -3.41 -15.24
N GLY A 79 10.70 -3.47 -16.49
CA GLY A 79 9.89 -4.56 -16.99
C GLY A 79 8.42 -4.38 -16.87
N PHE A 80 7.94 -3.54 -15.96
CA PHE A 80 6.50 -3.45 -15.83
C PHE A 80 5.75 -2.97 -17.07
N MET A 81 6.23 -1.88 -17.66
CA MET A 81 5.58 -1.27 -18.80
C MET A 81 5.65 -2.13 -20.08
N GLU A 82 6.52 -3.08 -20.07
CA GLU A 82 6.68 -4.05 -21.15
C GLU A 82 5.81 -5.29 -21.02
N LEU A 83 5.21 -5.54 -19.85
CA LEU A 83 4.23 -6.59 -19.71
C LEU A 83 2.95 -6.27 -20.43
N CYS A 84 2.25 -7.27 -20.95
CA CYS A 84 0.90 -7.04 -21.47
C CYS A 84 -0.02 -6.44 -20.46
N GLN A 85 -1.00 -5.68 -20.93
CA GLN A 85 -1.92 -5.01 -20.03
C GLN A 85 -2.62 -6.00 -19.10
N ASN A 86 -2.92 -7.22 -19.57
CA ASN A 86 -3.59 -8.18 -18.71
C ASN A 86 -2.75 -8.37 -17.46
N ASP A 87 -1.49 -8.54 -17.70
CA ASP A 87 -0.54 -8.86 -16.59
C ASP A 87 -0.28 -7.66 -15.72
N GLN A 88 -0.18 -6.50 -16.28
CA GLN A 88 -0.08 -5.27 -15.47
C GLN A 88 -1.27 -5.17 -14.51
N ILE A 89 -2.49 -5.44 -15.04
CA ILE A 89 -3.66 -5.30 -14.23
C ILE A 89 -3.78 -6.41 -13.24
N VAL A 90 -3.44 -7.68 -13.62
CA VAL A 90 -3.34 -8.77 -12.66
C VAL A 90 -2.46 -8.34 -11.48
N LEU A 91 -1.28 -7.87 -11.79
CA LEU A 91 -0.37 -7.48 -10.67
C LEU A 91 -0.93 -6.36 -9.78
N LEU A 92 -1.53 -5.35 -10.39
CA LEU A 92 -2.09 -4.24 -9.62
C LEU A 92 -3.30 -4.63 -8.80
N LYS A 93 -4.20 -5.45 -9.35
CA LYS A 93 -5.34 -5.93 -8.58
C LYS A 93 -4.93 -6.76 -7.44
N ALA A 94 -3.88 -7.56 -7.57
CA ALA A 94 -3.47 -8.42 -6.51
C ALA A 94 -2.64 -7.68 -5.47
N GLY A 95 -1.91 -6.64 -5.87
CA GLY A 95 -0.93 -6.01 -5.05
C GLY A 95 -0.99 -4.57 -4.68
N ALA A 96 -1.81 -3.77 -5.38
CA ALA A 96 -1.81 -2.33 -5.12
C ALA A 96 -2.22 -1.98 -3.70
N MET A 97 -3.32 -2.60 -3.25
CA MET A 97 -3.74 -2.39 -1.84
C MET A 97 -2.66 -2.88 -0.82
N GLU A 98 -2.01 -3.98 -1.13
CA GLU A 98 -0.94 -4.45 -0.28
C GLU A 98 0.18 -3.38 -0.14
N VAL A 99 0.51 -2.75 -1.27
CA VAL A 99 1.53 -1.71 -1.28
C VAL A 99 1.07 -0.52 -0.39
N VAL A 100 -0.17 -0.12 -0.54
CA VAL A 100 -0.66 0.98 0.27
C VAL A 100 -0.57 0.63 1.75
N LEU A 101 -0.91 -0.60 2.11
CA LEU A 101 -0.86 -1.00 3.51
C LEU A 101 0.59 -1.02 4.04
N VAL A 102 1.58 -1.34 3.20
CA VAL A 102 2.96 -1.26 3.58
C VAL A 102 3.46 0.23 3.71
N ARG A 103 3.13 1.05 2.70
CA ARG A 103 3.45 2.51 2.67
C ARG A 103 2.88 3.25 3.87
N MET A 104 1.76 2.75 4.43
CA MET A 104 1.07 3.39 5.56
C MET A 104 2.02 3.55 6.76
N CYS A 105 2.98 2.66 6.92
CA CYS A 105 3.88 2.80 8.06
C CYS A 105 4.61 4.17 8.10
N ARG A 106 4.84 4.82 6.96
CA ARG A 106 5.49 6.19 6.86
C ARG A 106 4.68 7.22 7.52
N ALA A 107 3.37 7.01 7.54
CA ALA A 107 2.43 7.95 8.18
C ALA A 107 1.99 7.57 9.58
N TYR A 108 2.53 6.49 10.15
CA TYR A 108 2.14 5.96 11.39
C TYR A 108 3.21 6.35 12.44
N ASN A 109 2.72 6.77 13.57
CA ASN A 109 3.55 7.12 14.73
C ASN A 109 3.36 6.04 15.77
N ALA A 110 4.39 5.15 15.92
CA ALA A 110 4.28 4.02 16.81
C ALA A 110 4.23 4.45 18.27
N ASP A 111 4.81 5.60 18.56
CA ASP A 111 4.78 6.09 19.96
C ASP A 111 3.42 6.25 20.54
N ASN A 112 2.43 6.71 19.76
CA ASN A 112 1.08 6.92 20.25
C ASN A 112 0.00 6.24 19.41
N ARG A 113 0.44 5.44 18.45
CA ARG A 113 -0.42 4.54 17.66
C ARG A 113 -1.37 5.38 16.82
N THR A 114 -0.88 6.50 16.31
CA THR A 114 -1.66 7.32 15.40
C THR A 114 -1.17 7.35 14.00
N VAL A 115 -2.08 7.74 13.06
CA VAL A 115 -1.79 7.88 11.64
C VAL A 115 -2.17 9.30 11.17
N PHE A 116 -1.42 9.83 10.23
CA PHE A 116 -1.67 11.14 9.57
C PHE A 116 -2.84 11.01 8.58
N PHE A 117 -3.93 11.64 8.90
CA PHE A 117 -5.17 11.53 8.08
C PHE A 117 -5.77 12.94 8.04
N GLU A 118 -5.98 13.44 6.84
CA GLU A 118 -6.64 14.76 6.67
C GLU A 118 -6.00 15.87 7.54
N GLY A 119 -4.69 15.90 7.54
CA GLY A 119 -3.94 17.00 8.13
C GLY A 119 -3.52 16.95 9.58
N LYS A 120 -3.90 15.91 10.30
CA LYS A 120 -3.54 15.73 11.67
C LYS A 120 -3.34 14.25 11.94
N TYR A 121 -2.79 13.93 13.09
CA TYR A 121 -2.67 12.56 13.56
C TYR A 121 -3.90 12.17 14.41
N GLY A 122 -4.43 10.98 14.12
CA GLY A 122 -5.44 10.34 14.89
C GLY A 122 -5.22 8.84 15.03
N GLY A 123 -5.74 8.31 16.12
CA GLY A 123 -5.79 6.89 16.41
C GLY A 123 -6.80 6.11 15.61
N MET A 124 -6.81 4.79 15.82
CA MET A 124 -7.77 3.92 15.07
C MET A 124 -9.23 4.30 15.33
N GLU A 125 -9.48 4.87 16.50
CA GLU A 125 -10.86 5.21 16.90
C GLU A 125 -11.43 6.31 16.02
N LEU A 126 -10.58 7.02 15.28
CA LEU A 126 -11.06 7.99 14.28
C LEU A 126 -11.99 7.36 13.22
N PHE A 127 -11.75 6.09 12.93
CA PHE A 127 -12.43 5.40 11.87
C PHE A 127 -13.63 4.56 12.34
N ARG A 128 -14.08 4.77 13.57
CA ARG A 128 -15.13 3.92 14.15
C ARG A 128 -16.46 3.90 13.32
N ALA A 129 -16.73 4.96 12.58
CA ALA A 129 -17.96 5.11 11.80
C ALA A 129 -18.00 4.12 10.64
N LEU A 130 -16.85 3.54 10.26
CA LEU A 130 -16.86 2.62 9.13
C LEU A 130 -17.50 1.29 9.45
N GLY A 131 -17.56 0.91 10.72
CA GLY A 131 -18.09 -0.39 11.07
C GLY A 131 -17.27 -1.54 10.57
N CYS A 132 -15.98 -1.40 10.72
CA CYS A 132 -15.06 -2.53 10.50
C CYS A 132 -13.90 -2.39 11.47
N SER A 133 -14.22 -2.40 12.78
CA SER A 133 -13.18 -1.98 13.72
C SER A 133 -12.13 -3.09 13.83
N GLU A 134 -12.53 -4.35 13.64
CA GLU A 134 -11.53 -5.44 13.77
C GLU A 134 -10.48 -5.31 12.67
N LEU A 135 -10.94 -4.97 11.47
CA LEU A 135 -10.06 -4.81 10.34
C LEU A 135 -9.13 -3.64 10.55
N ILE A 136 -9.69 -2.52 11.02
CA ILE A 136 -8.88 -1.36 11.19
C ILE A 136 -7.82 -1.65 12.25
N SER A 137 -8.21 -2.34 13.33
CA SER A 137 -7.27 -2.68 14.39
C SER A 137 -6.16 -3.53 13.85
N SER A 138 -6.53 -4.45 13.01
CA SER A 138 -5.48 -5.38 12.43
C SER A 138 -4.50 -4.63 11.52
N ILE A 139 -4.99 -3.60 10.82
CA ILE A 139 -4.19 -2.76 9.95
C ILE A 139 -3.24 -1.91 10.75
N PHE A 140 -3.74 -1.30 11.82
CA PHE A 140 -2.85 -0.52 12.69
C PHE A 140 -1.75 -1.43 13.31
N ASP A 141 -2.11 -2.62 13.75
CA ASP A 141 -1.14 -3.59 14.31
C ASP A 141 -0.11 -3.97 13.28
N PHE A 142 -0.51 -4.12 12.03
CA PHE A 142 0.42 -4.38 10.93
C PHE A 142 1.40 -3.23 10.72
N SER A 143 0.91 -1.98 10.76
CA SER A 143 1.79 -0.87 10.74
C SER A 143 2.72 -0.82 11.92
N HIS A 144 2.23 -1.20 13.08
CA HIS A 144 3.07 -1.20 14.29
C HIS A 144 4.20 -2.24 14.06
N SER A 145 3.87 -3.40 13.53
CA SER A 145 4.89 -4.44 13.24
C SER A 145 5.91 -3.92 12.26
N LEU A 146 5.48 -3.24 11.20
CA LEU A 146 6.42 -2.70 10.23
C LEU A 146 7.27 -1.56 10.82
N SER A 147 6.68 -0.73 11.65
CA SER A 147 7.47 0.35 12.29
C SER A 147 8.63 -0.16 13.09
N ALA A 148 8.42 -1.28 13.73
CA ALA A 148 9.46 -1.89 14.60
C ALA A 148 10.64 -2.31 13.79
N LEU A 149 10.48 -2.48 12.47
CA LEU A 149 11.61 -2.89 11.64
C LEU A 149 12.55 -1.76 11.29
N HIS A 150 12.11 -0.50 11.44
CA HIS A 150 12.87 0.75 11.11
C HIS A 150 13.45 0.70 9.70
N PHE A 151 12.58 0.44 8.74
CA PHE A 151 13.02 0.37 7.36
C PHE A 151 13.75 1.64 6.97
N SER A 152 14.84 1.44 6.31
CA SER A 152 15.39 2.46 5.45
C SER A 152 14.53 2.67 4.18
N GLU A 153 14.76 3.79 3.51
CA GLU A 153 14.12 4.03 2.23
C GLU A 153 14.42 2.93 1.23
N ASP A 154 15.68 2.52 1.15
CA ASP A 154 16.03 1.44 0.25
C ASP A 154 15.19 0.15 0.55
N GLU A 155 15.02 -0.14 1.80
CA GLU A 155 14.46 -1.44 2.20
C GLU A 155 12.97 -1.42 1.94
N ILE A 156 12.31 -0.32 2.30
CA ILE A 156 10.85 -0.26 2.05
C ILE A 156 10.57 -0.16 0.49
N ALA A 157 11.44 0.51 -0.28
CA ALA A 157 11.29 0.57 -1.71
C ALA A 157 11.37 -0.83 -2.35
N LEU A 158 12.34 -1.61 -1.92
CA LEU A 158 12.55 -2.90 -2.51
C LEU A 158 11.48 -3.91 -2.04
N TYR A 159 11.15 -3.86 -0.78
CA TYR A 159 10.11 -4.74 -0.22
C TYR A 159 8.73 -4.46 -0.92
N THR A 160 8.39 -3.18 -1.11
CA THR A 160 7.17 -2.85 -1.85
C THR A 160 7.22 -3.20 -3.32
N ALA A 161 8.37 -3.07 -3.97
CA ALA A 161 8.49 -3.61 -5.32
C ALA A 161 8.18 -5.10 -5.38
N LEU A 162 8.67 -5.83 -4.39
CA LEU A 162 8.46 -7.30 -4.33
C LEU A 162 7.02 -7.69 -3.99
N VAL A 163 6.32 -6.83 -3.26
CA VAL A 163 4.87 -7.06 -3.02
C VAL A 163 4.16 -7.08 -4.38
N LEU A 164 4.55 -6.19 -5.26
CA LEU A 164 3.90 -6.08 -6.55
C LEU A 164 4.36 -7.08 -7.62
N ILE A 165 5.66 -7.22 -7.72
CA ILE A 165 6.22 -8.07 -8.76
C ILE A 165 6.32 -9.50 -8.24
N ASN A 166 5.22 -10.23 -8.39
CA ASN A 166 5.03 -11.55 -7.72
C ASN A 166 4.53 -12.48 -8.82
N ALA A 167 5.39 -13.39 -9.23
CA ALA A 167 5.13 -14.26 -10.34
C ALA A 167 4.10 -15.32 -10.00
N HIS A 168 3.65 -15.45 -8.79
CA HIS A 168 2.67 -16.47 -8.40
C HIS A 168 1.24 -16.00 -8.60
N ARG A 169 1.02 -14.76 -9.03
CA ARG A 169 -0.36 -14.27 -9.10
C ARG A 169 -1.15 -15.05 -10.14
N PRO A 170 -2.31 -15.62 -9.75
CA PRO A 170 -3.21 -16.21 -10.77
C PRO A 170 -3.59 -15.24 -11.87
N GLY A 171 -3.46 -15.68 -13.11
CA GLY A 171 -3.90 -14.95 -14.27
C GLY A 171 -2.85 -14.33 -15.11
N LEU A 172 -1.58 -14.51 -14.71
CA LEU A 172 -0.47 -14.01 -15.51
C LEU A 172 -0.26 -14.79 -16.79
N GLN A 173 -0.27 -14.08 -17.89
CA GLN A 173 -0.04 -14.65 -19.21
C GLN A 173 1.43 -14.80 -19.53
N GLU A 174 2.30 -13.99 -18.88
CA GLU A 174 3.77 -14.04 -19.08
C GLU A 174 4.42 -14.39 -17.75
N LYS A 175 4.05 -15.52 -17.17
CA LYS A 175 4.59 -15.93 -15.82
C LYS A 175 6.12 -16.01 -15.83
N ARG A 176 6.78 -16.48 -16.90
CA ARG A 176 8.24 -16.63 -16.81
C ARG A 176 8.93 -15.24 -16.83
N LYS A 177 8.39 -14.32 -17.58
CA LYS A 177 8.93 -12.93 -17.53
C LYS A 177 8.79 -12.35 -16.16
N VAL A 178 7.64 -12.52 -15.57
CA VAL A 178 7.45 -11.96 -14.18
C VAL A 178 8.39 -12.68 -13.22
N GLU A 179 8.58 -13.98 -13.41
CA GLU A 179 9.60 -14.73 -12.59
C GLU A 179 10.97 -14.13 -12.64
N GLN A 180 11.40 -13.72 -13.85
CA GLN A 180 12.70 -13.12 -14.01
C GLN A 180 12.81 -11.78 -13.31
N LEU A 181 11.77 -10.96 -13.45
CA LEU A 181 11.69 -9.64 -12.78
C LEU A 181 11.70 -9.79 -11.29
N GLN A 182 10.95 -10.73 -10.77
CA GLN A 182 10.91 -10.95 -9.34
C GLN A 182 12.25 -11.40 -8.83
N TYR A 183 12.87 -12.34 -9.55
CA TYR A 183 14.20 -12.82 -9.13
C TYR A 183 15.22 -11.68 -9.08
N ASN A 184 15.28 -10.83 -10.12
CA ASN A 184 16.19 -9.70 -10.14
C ASN A 184 16.00 -8.83 -8.91
N LEU A 185 14.74 -8.54 -8.60
CA LEU A 185 14.42 -7.76 -7.45
C LEU A 185 14.81 -8.42 -6.11
N GLU A 186 14.59 -9.73 -6.01
CA GLU A 186 14.96 -10.46 -4.79
C GLU A 186 16.49 -10.40 -4.56
N LEU A 187 17.20 -10.65 -5.65
CA LEU A 187 18.67 -10.64 -5.60
C LEU A 187 19.17 -9.25 -5.22
N ALA A 188 18.54 -8.19 -5.76
CA ALA A 188 18.91 -6.81 -5.41
C ALA A 188 18.62 -6.48 -3.94
N PHE A 189 17.45 -6.88 -3.51
CA PHE A 189 17.04 -6.69 -2.12
C PHE A 189 18.04 -7.41 -1.20
N HIS A 190 18.28 -8.69 -1.49
CA HIS A 190 19.10 -9.50 -0.56
C HIS A 190 20.55 -9.03 -0.58
N HIS A 191 21.01 -8.64 -1.77
CA HIS A 191 22.37 -8.03 -1.89
C HIS A 191 22.50 -6.81 -1.05
N HIS A 192 21.50 -5.94 -1.16
CA HIS A 192 21.52 -4.70 -0.38
C HIS A 192 21.54 -4.97 1.15
N LEU A 193 20.73 -5.96 1.60
CA LEU A 193 20.67 -6.33 3.01
C LEU A 193 22.03 -6.92 3.46
N CYS A 194 22.60 -7.78 2.63
CA CYS A 194 23.95 -8.37 2.91
C CYS A 194 24.95 -7.26 3.08
N LYS A 195 25.00 -6.35 2.09
CA LYS A 195 26.00 -5.24 2.14
C LYS A 195 25.86 -4.33 3.34
N THR A 196 24.63 -4.05 3.76
CA THR A 196 24.35 -3.19 4.91
C THR A 196 24.19 -3.90 6.25
N HIS A 197 24.45 -5.20 6.34
CA HIS A 197 24.33 -5.97 7.56
C HIS A 197 22.94 -5.89 8.14
N ARG A 198 21.95 -6.02 7.26
CA ARG A 198 20.55 -5.99 7.61
C ARG A 198 19.75 -7.28 7.21
N GLN A 199 20.42 -8.39 6.98
CA GLN A 199 19.73 -9.64 6.63
C GLN A 199 18.81 -10.11 7.73
N SER A 200 19.04 -9.67 8.98
CA SER A 200 18.17 -10.03 10.08
C SER A 200 16.71 -9.59 9.88
N ILE A 201 16.46 -8.57 9.06
CA ILE A 201 15.07 -8.22 8.84
C ILE A 201 14.25 -9.22 8.09
N LEU A 202 14.87 -10.09 7.28
CA LEU A 202 14.14 -11.05 6.51
C LEU A 202 13.30 -11.96 7.35
N ALA A 203 13.83 -12.37 8.49
CA ALA A 203 13.06 -13.25 9.40
C ALA A 203 11.95 -12.53 10.11
N LYS A 204 11.97 -11.20 10.11
CA LYS A 204 11.05 -10.40 10.87
C LYS A 204 9.98 -9.80 9.97
N LEU A 205 10.09 -9.91 8.64
CA LEU A 205 9.05 -9.40 7.75
C LEU A 205 7.77 -10.17 8.02
N PRO A 206 6.63 -9.52 7.85
CA PRO A 206 5.36 -10.19 8.02
C PRO A 206 5.21 -11.54 7.26
N PRO A 207 4.56 -12.51 7.89
CA PRO A 207 4.43 -13.75 7.18
C PRO A 207 3.63 -13.62 5.95
N LYS A 208 3.94 -14.45 4.97
CA LYS A 208 3.11 -14.33 3.83
C LYS A 208 1.79 -14.93 4.27
N GLY A 209 0.75 -14.27 3.80
CA GLY A 209 -0.58 -14.58 4.24
C GLY A 209 -1.15 -13.38 4.96
N LYS A 210 -0.31 -12.68 5.72
CA LYS A 210 -0.82 -11.59 6.54
C LYS A 210 -1.43 -10.47 5.67
N LEU A 211 -0.67 -9.99 4.70
CA LEU A 211 -1.18 -8.93 3.79
C LEU A 211 -2.38 -9.43 3.03
N ARG A 212 -2.31 -10.65 2.53
CA ARG A 212 -3.42 -11.16 1.76
C ARG A 212 -4.70 -11.20 2.62
N SER A 213 -4.58 -11.58 3.89
CA SER A 213 -5.72 -11.64 4.79
C SER A 213 -6.38 -10.26 5.05
N LEU A 214 -5.56 -9.24 5.18
CA LEU A 214 -6.07 -7.89 5.32
C LEU A 214 -6.76 -7.47 4.03
N CYS A 215 -6.15 -7.76 2.90
CA CYS A 215 -6.81 -7.42 1.63
C CYS A 215 -8.11 -8.18 1.42
N SER A 216 -8.15 -9.48 1.73
CA SER A 216 -9.40 -10.23 1.72
C SER A 216 -10.49 -9.69 2.61
N GLN A 217 -10.13 -9.25 3.82
CA GLN A 217 -11.09 -8.68 4.78
C GLN A 217 -11.71 -7.41 4.22
N HIS A 218 -10.88 -6.60 3.56
CA HIS A 218 -11.43 -5.41 2.92
C HIS A 218 -12.51 -5.75 1.88
N VAL A 219 -12.16 -6.68 0.95
CA VAL A 219 -13.10 -7.07 -0.10
C VAL A 219 -14.37 -7.65 0.49
N GLU A 220 -14.23 -8.42 1.55
CA GLU A 220 -15.44 -8.98 2.18
C GLU A 220 -16.30 -7.88 2.79
N ARG A 221 -15.69 -6.94 3.44
CA ARG A 221 -16.44 -5.87 4.07
C ARG A 221 -17.08 -5.01 2.99
N LEU A 222 -16.33 -4.76 1.93
CA LEU A 222 -16.87 -3.98 0.80
C LEU A 222 -18.13 -4.65 0.21
N GLN A 223 -18.06 -5.98 0.09
CA GLN A 223 -19.24 -6.72 -0.39
C GLN A 223 -20.48 -6.48 0.39
N ILE A 224 -20.36 -6.43 1.71
CA ILE A 224 -21.46 -6.13 2.59
C ILE A 224 -21.94 -4.68 2.40
N PHE A 225 -20.99 -3.75 2.38
CA PHE A 225 -21.33 -2.30 2.17
C PHE A 225 -22.10 -2.09 0.88
N GLN A 226 -21.57 -2.67 -0.19
CA GLN A 226 -22.09 -2.40 -1.55
C GLN A 226 -23.46 -3.02 -1.68
N HIS A 227 -23.65 -4.17 -1.05
CA HIS A 227 -24.99 -4.77 -1.01
C HIS A 227 -26.01 -3.89 -0.28
N LEU A 228 -25.66 -3.31 0.81
CA LEU A 228 -26.61 -2.49 1.59
C LEU A 228 -26.71 -1.07 1.01
N HIS A 229 -25.70 -0.61 0.24
CA HIS A 229 -25.65 0.78 -0.27
C HIS A 229 -25.23 0.86 -1.75
N PRO A 230 -25.95 0.18 -2.64
CA PRO A 230 -25.45 0.10 -4.02
C PRO A 230 -25.44 1.40 -4.78
N ILE A 231 -26.40 2.26 -4.53
CA ILE A 231 -26.41 3.53 -5.17
C ILE A 231 -25.28 4.47 -4.70
N VAL A 232 -24.96 4.46 -3.42
CA VAL A 232 -23.80 5.19 -2.94
C VAL A 232 -22.52 4.76 -3.65
N VAL A 233 -22.33 3.45 -3.80
CA VAL A 233 -21.12 2.97 -4.45
C VAL A 233 -21.12 3.42 -5.90
N GLN A 234 -22.29 3.30 -6.58
CA GLN A 234 -22.40 3.67 -7.95
C GLN A 234 -22.11 5.14 -8.18
N ALA A 235 -22.62 5.98 -7.30
CA ALA A 235 -22.63 7.38 -7.48
C ALA A 235 -21.47 8.17 -6.85
N ALA A 236 -20.87 7.60 -5.82
CA ALA A 236 -19.95 8.38 -5.02
C ALA A 236 -18.69 7.67 -4.62
N PHE A 237 -18.40 6.51 -5.19
CA PHE A 237 -17.07 5.88 -5.01
C PHE A 237 -16.28 6.07 -6.27
N PRO A 238 -14.95 6.16 -6.18
CA PRO A 238 -14.20 6.41 -7.39
C PRO A 238 -14.16 5.21 -8.33
N PRO A 239 -14.21 5.44 -9.65
CA PRO A 239 -14.09 4.36 -10.60
C PRO A 239 -12.89 3.46 -10.40
N LEU A 240 -11.72 4.04 -10.12
CA LEU A 240 -10.51 3.22 -9.91
C LEU A 240 -10.66 2.22 -8.74
N TYR A 241 -11.29 2.66 -7.66
CA TYR A 241 -11.59 1.81 -6.53
C TYR A 241 -12.51 0.66 -6.99
N LYS A 242 -13.61 1.03 -7.71
CA LYS A 242 -14.53 0.01 -8.12
C LYS A 242 -13.87 -1.00 -9.07
N GLU A 243 -12.99 -0.54 -9.92
CA GLU A 243 -12.35 -1.43 -10.88
C GLU A 243 -11.43 -2.42 -10.18
N LEU A 244 -10.73 -1.95 -9.18
CA LEU A 244 -9.81 -2.85 -8.42
C LEU A 244 -10.46 -3.75 -7.41
N PHE A 245 -11.60 -3.40 -6.81
CA PHE A 245 -12.18 -4.11 -5.68
C PHE A 245 -13.62 -4.66 -5.79
N SER A 246 -14.44 -4.15 -6.68
CA SER A 246 -15.90 -4.49 -6.57
C SER A 246 -16.14 -5.79 -7.30
N LYS B 3 -11.81 1.45 -19.26
CA LYS B 3 -11.33 1.36 -17.85
C LYS B 3 -10.41 2.50 -17.51
N ILE B 4 -10.63 3.12 -16.35
CA ILE B 4 -9.67 4.11 -15.77
C ILE B 4 -8.29 3.49 -15.76
N LEU B 5 -8.21 2.26 -15.28
CA LEU B 5 -6.89 1.59 -15.11
C LEU B 5 -6.12 1.46 -16.42
N HIS B 6 -6.84 1.13 -17.52
CA HIS B 6 -6.19 1.13 -18.85
C HIS B 6 -5.63 2.49 -19.16
N ARG B 7 -6.39 3.54 -18.87
CA ARG B 7 -5.94 4.86 -19.16
C ARG B 7 -4.72 5.32 -18.40
N LEU B 8 -4.69 5.04 -17.10
CA LEU B 8 -3.59 5.37 -16.27
C LEU B 8 -2.32 4.63 -16.67
N LEU B 9 -2.47 3.44 -17.18
CA LEU B 9 -1.32 2.63 -17.62
C LEU B 9 -0.60 3.21 -18.88
N GLN B 10 -1.21 4.12 -19.65
CA GLN B 10 -0.48 4.88 -20.74
C GLN B 10 -0.63 6.41 -20.79
C1 88K C . -12.63 1.45 3.58
C2 88K C . -13.33 0.47 4.50
C3 88K C . -12.54 -0.79 4.80
C5 88K C . -10.50 0.75 4.73
C6 88K C . -9.78 0.04 3.59
C7 88K C . -9.51 1.49 5.58
C8 88K C . -8.53 0.54 6.35
C9 88K C . -7.20 1.30 6.46
C11 88K C . -8.56 2.49 4.94
C12 88K C . -8.99 3.78 4.33
C13 88K C . -7.84 4.68 3.85
C14 88K C . -6.59 4.76 4.82
C4 88K C . -11.27 -0.35 5.50
C10 88K C . -7.47 2.75 6.00
C15 88K C . -6.20 3.39 5.32
C16 88K C . -5.07 3.51 6.34
O1 88K C . -3.37 9.43 5.13
C22 88K C . -4.19 8.27 5.29
C21 88K C . -5.25 8.26 4.19
C20 88K C . -6.18 7.06 4.25
C23 88K C . -3.38 6.96 5.28
C24 88K C . -2.59 7.06 6.58
C25 88K C . -2.36 6.80 4.20
C18 88K C . -4.43 5.82 5.47
C19 88K C . -5.48 5.70 4.31
C26 88K C . -4.84 5.43 2.95
C17 88K C . -3.93 4.42 5.89
O2 88K C . -9.89 3.62 3.15
C27 88K C . -5.58 2.53 4.16
C28 88K C . -8.10 3.50 7.21
O 88K C . -11.37 1.78 4.18
C 88K C . -12.53 1.11 2.07
C29 88K C . -13.44 2.71 3.49
#